data_7D5M
#
_entry.id   7D5M
#
_cell.length_a   54.250
_cell.length_b   107.997
_cell.length_c   156.759
_cell.angle_alpha   90.000
_cell.angle_beta   90.000
_cell.angle_gamma   90.000
#
_symmetry.space_group_name_H-M   'I 2 2 2'
#
loop_
_entity.id
_entity.type
_entity.pdbx_description
1 polymer Oxidoreductase
2 non-polymer NICOTINAMIDE-ADENINE-DINUCLEOTIDE
3 water water
#
_entity_poly.entity_id   1
_entity_poly.type   'polypeptide(L)'
_entity_poly.pdbx_seq_one_letter_code
;MINGSKRIAQPIRWAMVGGGRNSQIGYIHRSAALRDQSFALVAGAFDIDPGRGREFGVQLGVDPQRCYPDYRTLFEQEAR
RPDGIQAVSVATPNGTHFAITRAALEAGLHVVCEKPLCFTLEEAETLREIALANNRVVGVTYGYAGHQLIEQARAMIADG
ELGEIRMVHMQFAHGFHSAPVEGQNEATKWRVDPRLAGPSYVLGDVGTHPLYLSEVMLPEFRIKRLMCSRQSFVKSRAPL
EDNAYTLMEYEGGAMGLVWSSAVNAGSMHGQKIRVIGSRASLEWWDEHPNQLAFEIQGQPVQVLERGMGYLHPGALLDDR
IGAGHPEGLFEAWSNLYYRFAMAMDATERGDGALLAGLRYPDIHAGVEGVRWVERCVQSADRGGVWVDYLEHHHHHH
;
_entity_poly.pdbx_strand_id   A
#
loop_
_chem_comp.id
_chem_comp.type
_chem_comp.name
_chem_comp.formula
NAD non-polymer NICOTINAMIDE-ADENINE-DINUCLEOTIDE 'C21 H27 N7 O14 P2'
#
# COMPACT_ATOMS: atom_id res chain seq x y z
N MET A 1 -3.31 -23.32 0.39
CA MET A 1 -4.73 -22.95 0.59
C MET A 1 -4.91 -22.38 2.00
N ILE A 2 -5.84 -21.45 2.15
CA ILE A 2 -6.27 -20.89 3.46
C ILE A 2 -7.63 -21.49 3.79
N ASN A 3 -7.82 -21.93 5.03
CA ASN A 3 -9.12 -22.51 5.46
C ASN A 3 -9.59 -21.86 6.76
N GLY A 4 -8.97 -20.76 7.19
CA GLY A 4 -9.43 -19.94 8.33
C GLY A 4 -8.83 -20.39 9.65
N SER A 5 -7.97 -21.41 9.64
CA SER A 5 -7.27 -21.89 10.85
C SER A 5 -6.38 -20.77 11.38
N LYS A 6 -6.27 -20.65 12.69
CA LYS A 6 -5.48 -19.53 13.28
C LYS A 6 -4.01 -19.67 12.88
N ARG A 7 -3.35 -18.54 12.68
CA ARG A 7 -1.91 -18.48 12.35
C ARG A 7 -1.09 -18.02 13.55
N ILE A 8 -1.75 -17.39 14.51
CA ILE A 8 -1.17 -16.94 15.80
C ILE A 8 -2.16 -17.39 16.88
N ALA A 9 -1.69 -17.53 18.12
CA ALA A 9 -2.46 -18.13 19.25
C ALA A 9 -3.73 -17.33 19.52
N GLN A 10 -3.63 -15.99 19.54
CA GLN A 10 -4.77 -15.09 19.79
C GLN A 10 -4.72 -13.92 18.82
N PRO A 11 -5.89 -13.37 18.44
CA PRO A 11 -5.92 -12.18 17.59
C PRO A 11 -5.18 -11.02 18.26
N ILE A 12 -4.42 -10.27 17.47
CA ILE A 12 -3.73 -9.03 17.94
C ILE A 12 -4.81 -8.06 18.43
N ARG A 13 -4.66 -7.53 19.65
CA ARG A 13 -5.59 -6.51 20.17
C ARG A 13 -5.35 -5.21 19.40
N TRP A 14 -6.39 -4.66 18.78
CA TRP A 14 -6.24 -3.70 17.65
C TRP A 14 -7.18 -2.51 17.78
N ALA A 15 -6.70 -1.36 17.29
CA ALA A 15 -7.45 -0.10 17.16
C ALA A 15 -7.25 0.45 15.75
N MET A 16 -8.19 1.31 15.35
CA MET A 16 -8.02 2.19 14.18
C MET A 16 -8.00 3.64 14.64
N VAL A 17 -7.21 4.45 13.97
CA VAL A 17 -7.34 5.93 13.99
C VAL A 17 -7.78 6.34 12.59
N GLY A 18 -8.94 7.00 12.51
CA GLY A 18 -9.62 7.28 11.24
C GLY A 18 -10.39 6.05 10.80
N GLY A 19 -10.72 5.98 9.51
CA GLY A 19 -11.53 4.88 8.96
C GLY A 19 -12.96 4.93 9.47
N GLY A 20 -13.47 6.12 9.77
CA GLY A 20 -14.80 6.31 10.38
C GLY A 20 -15.94 6.08 9.39
N ARG A 21 -17.14 6.44 9.84
CA ARG A 21 -18.43 6.09 9.17
C ARG A 21 -18.44 6.46 7.70
N ASN A 22 -17.92 7.64 7.35
CA ASN A 22 -18.02 8.17 5.97
C ASN A 22 -16.71 7.98 5.19
N SER A 23 -15.73 7.23 5.72
CA SER A 23 -14.41 7.08 5.07
C SER A 23 -14.48 6.17 3.85
N GLN A 24 -13.56 6.36 2.90
CA GLN A 24 -13.44 5.45 1.72
C GLN A 24 -12.78 4.14 2.14
N ILE A 25 -11.73 4.19 2.96
CA ILE A 25 -10.81 3.03 3.10
C ILE A 25 -10.99 2.32 4.46
N GLY A 26 -11.72 2.91 5.41
CA GLY A 26 -11.87 2.32 6.75
C GLY A 26 -12.33 0.88 6.68
N TYR A 27 -13.32 0.59 5.83
CA TYR A 27 -13.96 -0.75 5.82
C TYR A 27 -12.98 -1.84 5.39
N ILE A 28 -12.22 -1.63 4.31
CA ILE A 28 -11.33 -2.71 3.81
C ILE A 28 -10.24 -3.01 4.85
N HIS A 29 -9.78 -2.02 5.61
CA HIS A 29 -8.87 -2.29 6.75
C HIS A 29 -9.50 -3.32 7.70
N ARG A 30 -10.72 -3.08 8.14
CA ARG A 30 -11.42 -3.95 9.12
C ARG A 30 -11.73 -5.30 8.46
N SER A 31 -12.24 -5.30 7.23
CA SER A 31 -12.57 -6.55 6.53
C SER A 31 -11.37 -7.48 6.53
N ALA A 32 -10.19 -6.95 6.18
CA ALA A 32 -8.93 -7.73 6.05
C ALA A 32 -8.38 -8.09 7.44
N ALA A 33 -8.41 -7.15 8.39
CA ALA A 33 -7.79 -7.33 9.73
C ALA A 33 -8.57 -8.36 10.55
N LEU A 34 -9.90 -8.34 10.48
CA LEU A 34 -10.76 -9.17 11.37
C LEU A 34 -10.86 -10.59 10.80
N ARG A 35 -10.51 -10.76 9.53
CA ARG A 35 -10.63 -12.07 8.83
C ARG A 35 -9.68 -13.08 9.46
N ASP A 36 -10.14 -14.32 9.62
CA ASP A 36 -9.27 -15.48 9.96
C ASP A 36 -8.57 -15.27 11.31
N GLN A 37 -9.21 -14.56 12.23
CA GLN A 37 -8.74 -14.45 13.63
C GLN A 37 -7.39 -13.72 13.68
N SER A 38 -7.10 -12.78 12.77
CA SER A 38 -5.79 -12.07 12.75
C SER A 38 -5.74 -10.99 13.82
N PHE A 39 -6.73 -10.09 13.80
CA PHE A 39 -6.87 -8.94 14.72
C PHE A 39 -8.27 -8.93 15.32
N ALA A 40 -8.39 -8.35 16.51
CA ALA A 40 -9.67 -8.04 17.18
C ALA A 40 -9.76 -6.53 17.40
N LEU A 41 -10.82 -5.91 16.88
CA LEU A 41 -11.05 -4.46 17.02
C LEU A 41 -11.69 -4.18 18.38
N VAL A 42 -10.88 -3.67 19.31
CA VAL A 42 -11.31 -3.49 20.73
C VAL A 42 -11.37 -2.00 21.08
N ALA A 43 -10.88 -1.11 20.22
CA ALA A 43 -10.79 0.34 20.52
C ALA A 43 -10.59 1.14 19.25
N GLY A 44 -10.79 2.46 19.31
CA GLY A 44 -10.50 3.31 18.16
C GLY A 44 -10.65 4.79 18.46
N ALA A 45 -10.00 5.61 17.64
CA ALA A 45 -10.31 7.04 17.48
C ALA A 45 -10.73 7.23 16.03
N PHE A 46 -12.00 6.97 15.74
CA PHE A 46 -12.49 6.66 14.37
C PHE A 46 -12.72 7.90 13.52
N ASP A 47 -12.91 9.08 14.12
CA ASP A 47 -13.46 10.24 13.38
C ASP A 47 -12.90 11.55 13.95
N ILE A 48 -12.76 12.57 13.09
CA ILE A 48 -12.41 13.96 13.52
C ILE A 48 -13.56 14.52 14.37
N ASP A 49 -14.79 14.07 14.13
CA ASP A 49 -15.99 14.40 14.93
C ASP A 49 -16.11 13.31 15.98
N PRO A 50 -15.69 13.55 17.25
CA PRO A 50 -15.60 12.49 18.24
C PRO A 50 -16.95 11.83 18.54
N GLY A 51 -18.03 12.62 18.57
CA GLY A 51 -19.41 12.11 18.73
C GLY A 51 -19.75 11.08 17.67
N ARG A 52 -19.44 11.39 16.40
CA ARG A 52 -19.73 10.49 15.25
C ARG A 52 -18.77 9.29 15.31
N GLY A 53 -17.53 9.48 15.76
CA GLY A 53 -16.57 8.37 15.95
C GLY A 53 -17.11 7.35 16.94
N ARG A 54 -17.68 7.81 18.05
CA ARG A 54 -18.20 6.90 19.11
C ARG A 54 -19.49 6.22 18.61
N GLU A 55 -20.40 6.97 17.98
CA GLU A 55 -21.63 6.38 17.39
C GLU A 55 -21.22 5.21 16.49
N PHE A 56 -20.23 5.42 15.63
CA PHE A 56 -19.81 4.41 14.62
C PHE A 56 -19.09 3.25 15.32
N GLY A 57 -18.15 3.54 16.21
CA GLY A 57 -17.44 2.51 17.00
C GLY A 57 -18.44 1.54 17.64
N VAL A 58 -19.52 2.08 18.22
CA VAL A 58 -20.57 1.24 18.88
C VAL A 58 -21.23 0.34 17.83
N GLN A 59 -21.49 0.86 16.63
CA GLN A 59 -22.12 0.06 15.54
C GLN A 59 -21.12 -0.98 15.02
N LEU A 60 -19.82 -0.78 15.24
CA LEU A 60 -18.75 -1.77 14.93
C LEU A 60 -18.56 -2.76 16.07
N GLY A 61 -19.31 -2.63 17.17
CA GLY A 61 -19.26 -3.55 18.33
C GLY A 61 -18.19 -3.19 19.34
N VAL A 62 -17.63 -1.97 19.26
CA VAL A 62 -16.57 -1.49 20.19
C VAL A 62 -17.23 -0.91 21.44
N ASP A 63 -16.66 -1.19 22.61
CA ASP A 63 -17.04 -0.60 23.91
C ASP A 63 -17.03 0.92 23.75
N PRO A 64 -18.15 1.65 24.02
CA PRO A 64 -18.18 3.10 23.86
C PRO A 64 -17.07 3.81 24.65
N GLN A 65 -16.69 3.25 25.80
CA GLN A 65 -15.61 3.80 26.66
C GLN A 65 -14.23 3.58 26.01
N ARG A 66 -14.13 2.73 24.98
CA ARG A 66 -12.86 2.53 24.25
C ARG A 66 -12.95 3.15 22.84
N CYS A 67 -13.96 3.99 22.61
CA CYS A 67 -14.03 4.93 21.47
C CYS A 67 -13.52 6.28 21.98
N TYR A 68 -12.25 6.55 21.77
CA TYR A 68 -11.56 7.75 22.32
C TYR A 68 -11.64 8.90 21.32
N PRO A 69 -11.57 10.16 21.79
CA PRO A 69 -11.68 11.31 20.89
C PRO A 69 -10.46 11.56 19.98
N ASP A 70 -9.30 10.99 20.33
CA ASP A 70 -8.05 11.24 19.57
C ASP A 70 -7.06 10.10 19.79
N TYR A 71 -6.03 10.03 18.96
CA TYR A 71 -5.00 8.97 19.02
C TYR A 71 -4.17 9.07 20.31
N ARG A 72 -3.92 10.28 20.84
CA ARG A 72 -3.05 10.41 22.05
C ARG A 72 -3.79 9.78 23.24
N THR A 73 -5.07 10.09 23.39
CA THR A 73 -5.91 9.53 24.47
C THR A 73 -6.03 8.02 24.27
N LEU A 74 -6.29 7.59 23.04
CA LEU A 74 -6.34 6.15 22.72
C LEU A 74 -5.10 5.45 23.28
N PHE A 75 -3.90 5.93 22.94
CA PHE A 75 -2.62 5.26 23.31
C PHE A 75 -2.45 5.34 24.83
N GLU A 76 -2.70 6.50 25.44
CA GLU A 76 -2.47 6.72 26.90
C GLU A 76 -3.44 5.85 27.71
N GLN A 77 -4.74 5.86 27.37
CA GLN A 77 -5.80 5.12 28.12
C GLN A 77 -5.60 3.62 27.93
N GLU A 78 -5.30 3.18 26.69
CA GLU A 78 -5.15 1.73 26.41
C GLU A 78 -3.94 1.17 27.17
N ALA A 79 -2.87 1.96 27.32
CA ALA A 79 -1.62 1.58 28.02
C ALA A 79 -1.93 1.20 29.47
N ARG A 80 -3.04 1.69 30.03
CA ARG A 80 -3.40 1.48 31.46
C ARG A 80 -4.07 0.13 31.65
N ARG A 81 -4.55 -0.52 30.58
CA ARG A 81 -5.35 -1.77 30.67
C ARG A 81 -4.49 -2.98 30.31
N PRO A 82 -4.61 -4.11 31.04
CA PRO A 82 -3.87 -5.32 30.68
C PRO A 82 -4.35 -5.91 29.34
N ASP A 83 -5.58 -5.60 28.92
CA ASP A 83 -6.17 -5.99 27.62
C ASP A 83 -6.07 -4.83 26.62
N GLY A 84 -5.16 -3.88 26.84
CA GLY A 84 -4.94 -2.73 25.95
C GLY A 84 -4.47 -3.16 24.57
N ILE A 85 -4.67 -2.30 23.57
CA ILE A 85 -4.25 -2.59 22.17
C ILE A 85 -2.74 -2.89 22.12
N GLN A 86 -2.36 -3.70 21.14
CA GLN A 86 -0.96 -4.04 20.83
C GLN A 86 -0.57 -3.41 19.49
N ALA A 87 -1.57 -3.06 18.68
CA ALA A 87 -1.35 -2.54 17.31
C ALA A 87 -2.46 -1.58 16.92
N VAL A 88 -2.15 -0.69 15.98
CA VAL A 88 -3.08 0.36 15.52
C VAL A 88 -2.91 0.52 14.00
N SER A 89 -4.02 0.59 13.28
CA SER A 89 -4.04 0.97 11.86
C SER A 89 -4.39 2.45 11.73
N VAL A 90 -3.58 3.16 10.93
CA VAL A 90 -3.71 4.64 10.74
C VAL A 90 -4.34 4.88 9.35
N ALA A 91 -5.59 5.32 9.33
CA ALA A 91 -6.37 5.53 8.08
C ALA A 91 -6.91 6.95 8.07
N THR A 92 -6.14 7.89 8.62
CA THR A 92 -6.48 9.33 8.62
C THR A 92 -6.00 9.92 7.30
N PRO A 93 -6.34 11.18 7.00
CA PRO A 93 -5.70 11.86 5.86
C PRO A 93 -4.18 11.96 6.04
N ASN A 94 -3.48 12.15 4.92
CA ASN A 94 -2.01 11.98 4.78
C ASN A 94 -1.26 12.85 5.79
N GLY A 95 -1.75 14.07 6.04
CA GLY A 95 -1.07 15.08 6.86
C GLY A 95 -0.82 14.65 8.29
N THR A 96 -1.56 13.66 8.80
CA THR A 96 -1.49 13.23 10.22
C THR A 96 -0.74 11.89 10.37
N HIS A 97 -0.34 11.24 9.27
CA HIS A 97 0.29 9.89 9.32
C HIS A 97 1.56 9.93 10.17
N PHE A 98 2.40 10.94 9.96
CA PHE A 98 3.72 11.03 10.63
C PHE A 98 3.52 11.10 12.15
N ALA A 99 2.72 12.06 12.62
CA ALA A 99 2.51 12.34 14.06
C ALA A 99 1.88 11.12 14.74
N ILE A 100 0.89 10.51 14.08
CA ILE A 100 0.14 9.37 14.71
C ILE A 100 1.05 8.15 14.74
N THR A 101 1.75 7.84 13.64
CA THR A 101 2.68 6.68 13.57
C THR A 101 3.79 6.88 14.61
N ARG A 102 4.39 8.07 14.67
CA ARG A 102 5.49 8.36 15.63
C ARG A 102 5.01 8.09 17.05
N ALA A 103 3.86 8.64 17.43
CA ALA A 103 3.29 8.50 18.79
C ALA A 103 3.02 7.01 19.08
N ALA A 104 2.48 6.26 18.11
CA ALA A 104 2.15 4.82 18.31
C ALA A 104 3.45 4.05 18.57
N LEU A 105 4.49 4.32 17.78
CA LEU A 105 5.80 3.63 17.88
C LEU A 105 6.43 3.93 19.25
N GLU A 106 6.42 5.19 19.65
CA GLU A 106 7.01 5.64 20.94
C GLU A 106 6.20 5.01 22.09
N ALA A 107 4.92 4.69 21.87
CA ALA A 107 4.02 4.03 22.84
C ALA A 107 4.19 2.50 22.80
N GLY A 108 5.14 1.98 22.02
CA GLY A 108 5.47 0.54 21.96
C GLY A 108 4.43 -0.24 21.19
N LEU A 109 3.70 0.41 20.28
CA LEU A 109 2.64 -0.27 19.47
C LEU A 109 3.20 -0.60 18.07
N HIS A 110 2.80 -1.74 17.53
CA HIS A 110 2.95 -2.04 16.08
C HIS A 110 1.94 -1.19 15.31
N VAL A 111 2.28 -0.87 14.06
CA VAL A 111 1.47 0.05 13.24
C VAL A 111 1.23 -0.57 11.86
N VAL A 112 0.03 -0.37 11.34
CA VAL A 112 -0.24 -0.45 9.89
C VAL A 112 -0.62 0.97 9.45
N CYS A 113 0.22 1.57 8.62
CA CYS A 113 0.06 2.98 8.22
C CYS A 113 -0.40 3.04 6.76
N GLU A 114 -1.47 3.79 6.53
CA GLU A 114 -1.94 4.05 5.15
C GLU A 114 -0.86 4.79 4.38
N LYS A 115 -0.75 4.50 3.08
CA LYS A 115 0.20 5.21 2.21
C LYS A 115 -0.35 6.62 2.00
N PRO A 116 0.50 7.67 1.96
CA PRO A 116 1.94 7.54 2.16
C PRO A 116 2.31 7.62 3.65
N LEU A 117 3.47 7.10 4.00
CA LEU A 117 4.04 7.19 5.36
C LEU A 117 3.95 8.63 5.85
N CYS A 118 4.29 9.59 4.98
CA CYS A 118 4.44 11.01 5.35
C CYS A 118 4.80 11.84 4.10
N PHE A 119 4.96 13.15 4.26
CA PHE A 119 5.17 14.13 3.15
C PHE A 119 6.63 14.12 2.68
N THR A 120 7.61 14.04 3.59
CA THR A 120 9.03 14.29 3.25
C THR A 120 9.90 13.07 3.57
N LEU A 121 10.97 12.91 2.81
CA LEU A 121 11.96 11.82 3.02
C LEU A 121 12.58 11.97 4.40
N GLU A 122 12.84 13.19 4.87
CA GLU A 122 13.50 13.38 6.18
C GLU A 122 12.58 12.84 7.29
N GLU A 123 11.27 13.10 7.20
CA GLU A 123 10.24 12.55 8.13
C GLU A 123 10.23 11.01 8.03
N ALA A 124 10.26 10.47 6.81
CA ALA A 124 10.24 9.01 6.58
C ALA A 124 11.44 8.35 7.26
N GLU A 125 12.63 8.93 7.10
CA GLU A 125 13.89 8.39 7.69
C GLU A 125 13.76 8.41 9.21
N THR A 126 13.19 9.48 9.78
CA THR A 126 12.97 9.60 11.25
C THR A 126 12.00 8.52 11.72
N LEU A 127 10.88 8.35 11.05
CA LEU A 127 9.87 7.31 11.41
C LEU A 127 10.55 5.94 11.40
N ARG A 128 11.33 5.66 10.36
CA ARG A 128 11.97 4.34 10.22
C ARG A 128 12.92 4.13 11.40
N GLU A 129 13.73 5.13 11.74
CA GLU A 129 14.68 4.97 12.87
C GLU A 129 13.90 4.71 14.17
N ILE A 130 12.77 5.37 14.36
CA ILE A 130 11.97 5.20 15.61
C ILE A 130 11.32 3.81 15.63
N ALA A 131 10.80 3.33 14.49
CA ALA A 131 10.24 1.96 14.38
C ALA A 131 11.31 0.93 14.73
N LEU A 132 12.52 1.08 14.18
CA LEU A 132 13.61 0.09 14.38
C LEU A 132 14.06 0.11 15.85
N ALA A 133 14.29 1.30 16.42
CA ALA A 133 14.74 1.43 17.83
C ALA A 133 13.73 0.76 18.77
N ASN A 134 12.44 0.88 18.49
CA ASN A 134 11.34 0.36 19.36
C ASN A 134 10.96 -1.08 18.98
N ASN A 135 11.63 -1.66 17.96
CA ASN A 135 11.46 -3.07 17.53
C ASN A 135 10.00 -3.29 17.18
N ARG A 136 9.39 -2.36 16.45
CA ARG A 136 7.96 -2.44 16.05
C ARG A 136 7.90 -2.77 14.56
N VAL A 137 6.90 -3.55 14.20
CA VAL A 137 6.47 -3.78 12.78
C VAL A 137 5.69 -2.56 12.32
N VAL A 138 6.00 -2.03 11.15
CA VAL A 138 5.14 -1.03 10.45
C VAL A 138 4.74 -1.63 9.10
N GLY A 139 3.50 -2.10 8.98
CA GLY A 139 2.94 -2.47 7.66
C GLY A 139 2.52 -1.22 6.91
N VAL A 140 2.59 -1.26 5.59
CA VAL A 140 2.07 -0.16 4.72
C VAL A 140 1.11 -0.80 3.72
N THR A 141 -0.07 -0.22 3.53
CA THR A 141 -1.19 -0.89 2.79
C THR A 141 -1.02 -0.66 1.28
N TYR A 142 0.08 -1.14 0.72
CA TYR A 142 0.22 -1.37 -0.74
C TYR A 142 -0.55 -2.65 -1.07
N GLY A 143 -1.88 -2.55 -1.01
CA GLY A 143 -2.81 -3.68 -0.90
C GLY A 143 -2.75 -4.57 -2.13
N TYR A 144 -2.46 -4.00 -3.30
CA TYR A 144 -2.48 -4.77 -4.57
C TYR A 144 -1.40 -5.85 -4.53
N ALA A 145 -0.38 -5.66 -3.69
CA ALA A 145 0.77 -6.59 -3.59
C ALA A 145 0.34 -7.90 -2.91
N GLY A 146 -0.86 -7.93 -2.32
CA GLY A 146 -1.46 -9.14 -1.73
C GLY A 146 -1.97 -10.13 -2.75
N HIS A 147 -2.15 -9.72 -4.02
CA HIS A 147 -2.65 -10.63 -5.09
C HIS A 147 -1.59 -11.69 -5.40
N GLN A 148 -1.98 -12.97 -5.33
CA GLN A 148 -1.08 -14.14 -5.54
C GLN A 148 -0.22 -13.96 -6.79
N LEU A 149 -0.76 -13.41 -7.88
CA LEU A 149 -0.02 -13.46 -9.16
C LEU A 149 1.12 -12.44 -9.17
N ILE A 150 1.18 -11.51 -8.21
CA ILE A 150 2.36 -10.63 -8.05
C ILE A 150 3.56 -11.50 -7.65
N GLU A 151 3.36 -12.43 -6.70
CA GLU A 151 4.40 -13.41 -6.27
C GLU A 151 4.76 -14.31 -7.45
N GLN A 152 3.78 -14.73 -8.26
CA GLN A 152 4.05 -15.54 -9.48
C GLN A 152 5.03 -14.76 -10.37
N ALA A 153 4.74 -13.49 -10.64
CA ALA A 153 5.57 -12.62 -11.51
C ALA A 153 6.97 -12.51 -10.91
N ARG A 154 7.08 -12.25 -9.61
CA ARG A 154 8.40 -12.15 -8.93
C ARG A 154 9.21 -13.43 -9.21
N ALA A 155 8.58 -14.59 -8.99
CA ALA A 155 9.24 -15.91 -9.07
C ALA A 155 9.67 -16.17 -10.51
N MET A 156 8.82 -15.82 -11.48
CA MET A 156 9.14 -16.05 -12.92
C MET A 156 10.36 -15.23 -13.30
N ILE A 157 10.41 -13.97 -12.87
CA ILE A 157 11.51 -13.02 -13.18
C ILE A 157 12.80 -13.59 -12.56
N ALA A 158 12.75 -13.98 -11.29
CA ALA A 158 13.92 -14.51 -10.53
C ALA A 158 14.47 -15.78 -11.19
N ASP A 159 13.62 -16.59 -11.84
CA ASP A 159 14.00 -17.86 -12.49
C ASP A 159 14.43 -17.62 -13.95
N GLY A 160 14.47 -16.37 -14.41
CA GLY A 160 14.98 -15.99 -15.75
C GLY A 160 13.96 -16.22 -16.86
N GLU A 161 12.67 -16.37 -16.54
CA GLU A 161 11.64 -16.74 -17.55
C GLU A 161 11.45 -15.59 -18.55
N LEU A 162 11.78 -14.35 -18.18
CA LEU A 162 11.66 -13.18 -19.09
C LEU A 162 12.99 -12.90 -19.80
N GLY A 163 14.06 -13.62 -19.47
CA GLY A 163 15.43 -13.23 -19.90
C GLY A 163 15.88 -11.98 -19.17
N GLU A 164 16.76 -11.19 -19.77
CA GLU A 164 17.29 -9.97 -19.11
C GLU A 164 16.22 -8.88 -19.18
N ILE A 165 15.99 -8.22 -18.06
CA ILE A 165 14.89 -7.22 -17.95
C ILE A 165 15.33 -5.94 -18.65
N ARG A 166 14.48 -5.41 -19.53
CA ARG A 166 14.79 -4.23 -20.37
C ARG A 166 13.92 -3.05 -19.95
N MET A 167 12.61 -3.28 -19.77
CA MET A 167 11.67 -2.19 -19.45
C MET A 167 10.65 -2.61 -18.41
N VAL A 168 10.25 -1.64 -17.61
CA VAL A 168 9.16 -1.76 -16.60
C VAL A 168 8.17 -0.62 -16.86
N HIS A 169 7.01 -0.96 -17.41
CA HIS A 169 5.95 0.00 -17.80
C HIS A 169 4.81 -0.07 -16.78
N MET A 170 4.60 1.02 -16.07
CA MET A 170 3.66 1.11 -14.94
C MET A 170 2.67 2.23 -15.23
N GLN A 171 1.40 2.00 -14.89
CA GLN A 171 0.39 3.07 -14.92
C GLN A 171 -0.59 2.85 -13.78
N PHE A 172 -1.08 3.94 -13.23
CA PHE A 172 -2.34 3.95 -12.46
C PHE A 172 -3.08 5.21 -12.93
N ALA A 173 -3.95 5.03 -13.92
CA ALA A 173 -4.55 6.13 -14.70
C ALA A 173 -6.06 5.92 -14.77
N HIS A 174 -6.78 6.53 -13.83
CA HIS A 174 -8.26 6.52 -13.75
C HIS A 174 -8.80 7.90 -14.12
N GLY A 175 -10.10 8.00 -14.35
CA GLY A 175 -10.73 9.24 -14.84
C GLY A 175 -11.65 9.89 -13.82
N PHE A 176 -11.70 9.41 -12.58
CA PHE A 176 -12.76 9.87 -11.64
C PHE A 176 -12.63 11.36 -11.36
N HIS A 177 -11.46 11.97 -11.50
CA HIS A 177 -11.26 13.42 -11.19
C HIS A 177 -11.03 14.22 -12.46
N SER A 178 -11.55 13.76 -13.60
CA SER A 178 -11.53 14.51 -14.88
C SER A 178 -12.22 15.87 -14.68
N ALA A 179 -13.30 15.91 -13.90
CA ALA A 179 -14.03 17.13 -13.50
C ALA A 179 -13.61 17.55 -12.09
N PRO A 180 -13.81 18.82 -11.69
CA PRO A 180 -13.46 19.27 -10.34
C PRO A 180 -14.43 18.77 -9.25
N VAL A 181 -14.38 17.48 -8.93
CA VAL A 181 -15.34 16.81 -8.00
C VAL A 181 -15.02 17.20 -6.55
N GLU A 182 -13.83 17.79 -6.30
CA GLU A 182 -13.42 18.40 -4.99
C GLU A 182 -14.54 19.26 -4.41
N GLY A 183 -15.34 19.89 -5.28
CA GLY A 183 -16.45 20.78 -4.90
C GLY A 183 -17.50 20.07 -4.05
N GLN A 184 -17.68 18.76 -4.24
CA GLN A 184 -18.79 17.98 -3.62
C GLN A 184 -18.26 16.81 -2.77
N ASN A 185 -17.00 16.40 -2.95
CA ASN A 185 -16.45 15.13 -2.40
C ASN A 185 -15.28 15.45 -1.45
N GLU A 186 -15.44 15.18 -0.15
CA GLU A 186 -14.46 15.57 0.90
C GLU A 186 -13.15 14.79 0.72
N ALA A 187 -13.21 13.52 0.30
CA ALA A 187 -12.03 12.64 0.11
C ALA A 187 -11.11 13.20 -0.99
N THR A 188 -11.68 13.69 -2.09
CA THR A 188 -10.90 14.34 -3.19
C THR A 188 -10.42 15.72 -2.73
N LYS A 189 -11.26 16.45 -1.98
CA LYS A 189 -10.99 17.85 -1.56
C LYS A 189 -9.65 17.90 -0.80
N TRP A 190 -9.44 17.04 0.21
CA TRP A 190 -8.22 17.11 1.05
C TRP A 190 -7.00 16.65 0.23
N ARG A 191 -7.20 15.78 -0.77
CA ARG A 191 -6.09 15.23 -1.62
C ARG A 191 -5.50 16.32 -2.53
N VAL A 192 -6.23 17.40 -2.82
CA VAL A 192 -5.70 18.50 -3.69
C VAL A 192 -5.34 19.73 -2.83
N ASP A 193 -5.18 19.55 -1.52
CA ASP A 193 -4.70 20.60 -0.57
C ASP A 193 -3.29 20.24 -0.10
N PRO A 194 -2.25 21.01 -0.50
CA PRO A 194 -0.88 20.67 -0.13
C PRO A 194 -0.66 20.64 1.39
N ARG A 195 -1.38 21.48 2.14
CA ARG A 195 -1.32 21.55 3.62
C ARG A 195 -1.68 20.19 4.22
N LEU A 196 -2.68 19.51 3.65
CA LEU A 196 -3.29 18.26 4.21
C LEU A 196 -2.77 17.03 3.46
N ALA A 197 -2.47 17.16 2.17
CA ALA A 197 -2.09 16.05 1.26
C ALA A 197 -0.56 15.97 1.10
N GLY A 198 0.11 17.13 1.04
CA GLY A 198 1.57 17.23 0.91
C GLY A 198 1.98 17.75 -0.46
N PRO A 199 3.16 17.33 -0.97
CA PRO A 199 3.77 17.93 -2.17
C PRO A 199 3.22 17.45 -3.52
N SER A 200 2.41 16.39 -3.51
CA SER A 200 1.90 15.82 -4.78
C SER A 200 0.46 15.34 -4.59
N TYR A 201 -0.27 15.20 -5.69
CA TYR A 201 -1.56 14.48 -5.69
C TYR A 201 -1.33 13.10 -6.32
N VAL A 202 -1.45 12.94 -7.64
CA VAL A 202 -1.53 11.56 -8.23
C VAL A 202 -0.21 10.78 -8.10
N LEU A 203 0.96 11.42 -8.05
CA LEU A 203 2.24 10.66 -7.90
C LEU A 203 2.15 9.82 -6.62
N GLY A 204 1.79 10.47 -5.53
CA GLY A 204 1.68 9.86 -4.20
C GLY A 204 0.44 9.00 -4.09
N ASP A 205 -0.67 9.44 -4.67
CA ASP A 205 -2.00 8.81 -4.44
C ASP A 205 -2.07 7.49 -5.22
N VAL A 206 -1.60 7.48 -6.46
CA VAL A 206 -1.80 6.28 -7.33
C VAL A 206 -0.47 5.80 -7.93
N GLY A 207 0.44 6.70 -8.32
CA GLY A 207 1.71 6.29 -8.96
C GLY A 207 2.50 5.31 -8.11
N THR A 208 2.48 5.47 -6.79
CA THR A 208 3.31 4.66 -5.85
C THR A 208 2.79 3.22 -5.78
N HIS A 209 1.55 2.95 -6.19
CA HIS A 209 1.00 1.57 -6.15
C HIS A 209 1.74 0.66 -7.14
N PRO A 210 1.71 0.92 -8.46
CA PRO A 210 2.42 0.04 -9.40
C PRO A 210 3.95 0.14 -9.23
N LEU A 211 4.46 1.26 -8.73
CA LEU A 211 5.90 1.38 -8.37
C LEU A 211 6.24 0.29 -7.34
N TYR A 212 5.43 0.17 -6.29
CA TYR A 212 5.66 -0.87 -5.26
C TYR A 212 5.56 -2.26 -5.89
N LEU A 213 4.59 -2.51 -6.77
CA LEU A 213 4.51 -3.81 -7.47
C LEU A 213 5.84 -4.08 -8.19
N SER A 214 6.45 -3.08 -8.84
CA SER A 214 7.74 -3.30 -9.55
C SER A 214 8.84 -3.65 -8.55
N GLU A 215 8.79 -3.10 -7.33
CA GLU A 215 9.81 -3.38 -6.28
C GLU A 215 9.65 -4.81 -5.77
N VAL A 216 8.42 -5.31 -5.68
CA VAL A 216 8.19 -6.74 -5.31
C VAL A 216 8.76 -7.63 -6.42
N MET A 217 8.49 -7.30 -7.68
CA MET A 217 8.84 -8.18 -8.85
C MET A 217 10.34 -8.12 -9.14
N LEU A 218 10.98 -6.98 -8.88
CA LEU A 218 12.39 -6.67 -9.25
C LEU A 218 13.10 -6.12 -8.02
N PRO A 219 13.25 -6.96 -6.96
CA PRO A 219 13.74 -6.48 -5.67
C PRO A 219 15.17 -5.94 -5.70
N GLU A 220 16.00 -6.39 -6.65
CA GLU A 220 17.44 -6.01 -6.76
C GLU A 220 17.59 -4.79 -7.67
N PHE A 221 16.53 -4.36 -8.35
CA PHE A 221 16.57 -3.19 -9.25
C PHE A 221 16.73 -1.92 -8.42
N ARG A 222 17.58 -1.03 -8.91
CA ARG A 222 17.88 0.28 -8.29
C ARG A 222 17.71 1.38 -9.34
N ILE A 223 16.92 2.39 -9.02
CA ILE A 223 16.77 3.58 -9.90
C ILE A 223 18.05 4.41 -9.79
N LYS A 224 18.69 4.68 -10.94
CA LYS A 224 19.90 5.53 -11.03
C LYS A 224 19.48 7.01 -11.18
N ARG A 225 18.57 7.29 -12.11
CA ARG A 225 18.10 8.67 -12.40
C ARG A 225 16.63 8.63 -12.76
N LEU A 226 15.92 9.74 -12.59
CA LEU A 226 14.55 9.86 -13.15
C LEU A 226 14.30 11.31 -13.58
N MET A 227 13.31 11.46 -14.45
CA MET A 227 12.72 12.78 -14.75
C MET A 227 11.20 12.64 -14.61
N CYS A 228 10.56 13.73 -14.24
CA CYS A 228 9.10 13.77 -14.07
C CYS A 228 8.55 15.07 -14.63
N SER A 229 7.59 14.94 -15.54
CA SER A 229 6.79 16.04 -16.08
C SER A 229 5.36 15.88 -15.55
N ARG A 230 4.85 16.87 -14.83
CA ARG A 230 3.52 16.80 -14.17
C ARG A 230 2.67 17.99 -14.56
N GLN A 231 1.35 17.77 -14.59
CA GLN A 231 0.36 18.76 -15.03
C GLN A 231 -0.78 18.83 -14.02
N SER A 232 -1.38 20.01 -13.90
CA SER A 232 -2.68 20.24 -13.23
C SER A 232 -3.68 20.61 -14.33
N PHE A 233 -4.35 19.62 -14.91
CA PHE A 233 -5.33 19.85 -16.00
C PHE A 233 -6.57 20.55 -15.43
N VAL A 234 -6.99 20.16 -14.23
CA VAL A 234 -7.95 20.97 -13.43
C VAL A 234 -7.10 22.04 -12.73
N LYS A 235 -7.08 23.24 -13.31
CA LYS A 235 -6.08 24.29 -13.03
C LYS A 235 -6.03 24.63 -11.53
N SER A 236 -7.19 24.58 -10.86
CA SER A 236 -7.37 24.95 -9.43
C SER A 236 -6.54 24.04 -8.51
N ARG A 237 -6.08 22.88 -9.00
CA ARG A 237 -5.29 21.92 -8.18
C ARG A 237 -3.84 22.35 -8.07
N ALA A 238 -3.34 23.17 -9.00
CA ALA A 238 -1.94 23.65 -9.02
C ALA A 238 -1.57 24.17 -7.64
N PRO A 239 -0.37 23.85 -7.10
CA PRO A 239 0.67 23.10 -7.83
C PRO A 239 0.59 21.57 -7.84
N LEU A 240 -0.46 20.99 -7.22
CA LEU A 240 -0.62 19.52 -7.13
C LEU A 240 -1.09 19.00 -8.49
N GLU A 241 -0.46 17.93 -8.96
CA GLU A 241 -0.65 17.35 -10.31
C GLU A 241 -1.79 16.32 -10.32
N ASP A 242 -2.61 16.35 -11.37
CA ASP A 242 -3.63 15.29 -11.60
C ASP A 242 -3.19 14.38 -12.76
N ASN A 243 -1.98 14.59 -13.26
CA ASN A 243 -1.38 13.75 -14.34
C ASN A 243 0.13 13.87 -14.23
N ALA A 244 0.87 12.79 -14.44
CA ALA A 244 2.33 12.85 -14.44
C ALA A 244 2.94 11.70 -15.25
N TYR A 245 4.08 12.00 -15.86
CA TYR A 245 4.95 11.04 -16.55
C TYR A 245 6.28 10.98 -15.81
N THR A 246 6.64 9.81 -15.32
CA THR A 246 7.96 9.57 -14.70
C THR A 246 8.74 8.60 -15.56
N LEU A 247 9.87 9.04 -16.10
CA LEU A 247 10.80 8.19 -16.84
C LEU A 247 12.03 7.94 -15.98
N MET A 248 12.44 6.68 -15.88
CA MET A 248 13.54 6.26 -14.98
C MET A 248 14.56 5.43 -15.75
N GLU A 249 15.83 5.63 -15.42
CA GLU A 249 16.93 4.71 -15.80
C GLU A 249 17.30 3.90 -14.57
N TYR A 250 17.23 2.59 -14.66
CA TYR A 250 17.73 1.68 -13.61
C TYR A 250 19.23 1.48 -13.79
N GLU A 251 19.94 1.16 -12.71
CA GLU A 251 21.34 0.64 -12.79
C GLU A 251 21.30 -0.60 -13.68
N GLY A 252 22.19 -0.66 -14.68
CA GLY A 252 22.30 -1.82 -15.60
C GLY A 252 21.63 -1.55 -16.94
N GLY A 253 20.89 -0.44 -17.07
CA GLY A 253 20.44 0.08 -18.38
C GLY A 253 18.96 -0.11 -18.65
N ALA A 254 18.23 -0.89 -17.84
CA ALA A 254 16.77 -1.05 -17.99
C ALA A 254 16.10 0.33 -17.82
N MET A 255 14.93 0.52 -18.44
CA MET A 255 14.15 1.77 -18.35
C MET A 255 12.84 1.50 -17.63
N GLY A 256 12.35 2.50 -16.92
CA GLY A 256 11.06 2.46 -16.23
C GLY A 256 10.21 3.63 -16.65
N LEU A 257 8.90 3.41 -16.76
CA LEU A 257 7.96 4.49 -17.09
C LEU A 257 6.77 4.35 -16.15
N VAL A 258 6.37 5.45 -15.51
CA VAL A 258 5.14 5.47 -14.67
C VAL A 258 4.23 6.59 -15.18
N TRP A 259 3.03 6.21 -15.62
CA TRP A 259 1.96 7.18 -15.92
C TRP A 259 0.99 7.21 -14.75
N SER A 260 0.95 8.32 -14.01
CA SER A 260 0.04 8.57 -12.86
C SER A 260 -1.08 9.51 -13.33
N SER A 261 -2.35 9.17 -13.14
CA SER A 261 -3.44 10.07 -13.61
C SER A 261 -4.74 9.86 -12.85
N ALA A 262 -5.45 10.95 -12.59
CA ALA A 262 -6.83 10.97 -12.10
C ALA A 262 -7.74 11.60 -13.16
N VAL A 263 -7.22 11.88 -14.35
CA VAL A 263 -7.96 12.60 -15.43
C VAL A 263 -7.95 11.77 -16.73
N ASN A 264 -7.73 10.46 -16.62
CA ASN A 264 -7.83 9.55 -17.78
C ASN A 264 -9.31 9.21 -18.00
N ALA A 265 -10.05 10.15 -18.61
CA ALA A 265 -11.51 10.11 -18.72
C ALA A 265 -11.95 8.73 -19.24
N GLY A 266 -12.91 8.09 -18.56
CA GLY A 266 -13.49 6.80 -18.97
C GLY A 266 -12.82 5.62 -18.31
N SER A 267 -11.60 5.78 -17.78
CA SER A 267 -10.85 4.68 -17.12
C SER A 267 -11.44 4.43 -15.73
N MET A 268 -11.79 3.19 -15.45
CA MET A 268 -12.36 2.75 -14.15
C MET A 268 -11.26 2.63 -13.09
N HIS A 269 -10.01 2.35 -13.48
CA HIS A 269 -8.88 2.22 -12.52
C HIS A 269 -7.57 2.27 -13.28
N GLY A 270 -7.37 1.32 -14.19
CA GLY A 270 -6.25 1.35 -15.15
C GLY A 270 -4.92 1.25 -14.44
N GLN A 271 -4.82 0.39 -13.41
CA GLN A 271 -3.50 0.10 -12.80
C GLN A 271 -2.92 -1.12 -13.52
N LYS A 272 -1.83 -0.94 -14.24
CA LYS A 272 -1.21 -2.03 -15.02
C LYS A 272 0.31 -1.97 -14.81
N ILE A 273 0.94 -3.15 -14.83
CA ILE A 273 2.42 -3.23 -14.84
C ILE A 273 2.80 -4.26 -15.90
N ARG A 274 3.66 -3.85 -16.82
CA ARG A 274 4.21 -4.75 -17.85
C ARG A 274 5.72 -4.78 -17.64
N VAL A 275 6.27 -5.95 -17.40
CA VAL A 275 7.74 -6.15 -17.30
C VAL A 275 8.18 -6.81 -18.59
N ILE A 276 9.10 -6.17 -19.30
CA ILE A 276 9.54 -6.61 -20.65
C ILE A 276 11.00 -7.05 -20.56
N GLY A 277 11.24 -8.32 -20.86
CA GLY A 277 12.58 -8.92 -20.90
C GLY A 277 13.01 -9.21 -22.32
N SER A 278 14.26 -9.65 -22.49
CA SER A 278 14.83 -10.04 -23.79
C SER A 278 14.07 -11.24 -24.38
N ARG A 279 13.49 -12.11 -23.55
CA ARG A 279 12.83 -13.37 -23.99
C ARG A 279 11.31 -13.20 -24.02
N ALA A 280 10.73 -12.49 -23.05
CA ALA A 280 9.28 -12.54 -22.79
C ALA A 280 8.88 -11.33 -21.97
N SER A 281 7.58 -11.03 -21.97
CA SER A 281 6.95 -10.00 -21.11
C SER A 281 5.91 -10.66 -20.21
N LEU A 282 5.65 -10.05 -19.06
CA LEU A 282 4.43 -10.37 -18.29
C LEU A 282 3.68 -9.05 -18.07
N GLU A 283 2.36 -9.14 -17.89
CA GLU A 283 1.54 -7.93 -17.67
C GLU A 283 0.36 -8.26 -16.78
N TRP A 284 0.12 -7.40 -15.79
CA TRP A 284 -0.94 -7.56 -14.78
C TRP A 284 -1.75 -6.27 -14.72
N TRP A 285 -3.07 -6.42 -14.54
CA TRP A 285 -4.06 -5.33 -14.55
C TRP A 285 -4.95 -5.50 -13.31
N ASP A 286 -5.01 -4.50 -12.44
CA ASP A 286 -5.63 -4.64 -11.10
C ASP A 286 -7.12 -4.97 -11.22
N GLU A 287 -7.79 -4.58 -12.32
CA GLU A 287 -9.26 -4.76 -12.44
C GLU A 287 -9.58 -6.24 -12.75
N HIS A 288 -8.58 -6.98 -13.22
CA HIS A 288 -8.69 -8.43 -13.50
C HIS A 288 -7.51 -9.11 -12.83
N PRO A 289 -7.48 -9.14 -11.49
CA PRO A 289 -6.27 -9.46 -10.74
C PRO A 289 -5.94 -10.96 -10.73
N ASN A 290 -6.87 -11.80 -11.19
CA ASN A 290 -6.74 -13.28 -11.15
C ASN A 290 -6.06 -13.83 -12.41
N GLN A 291 -5.66 -12.96 -13.34
CA GLN A 291 -4.96 -13.37 -14.58
C GLN A 291 -3.63 -12.62 -14.68
N LEU A 292 -2.64 -13.26 -15.30
CA LEU A 292 -1.33 -12.65 -15.58
C LEU A 292 -0.93 -13.03 -17.00
N ALA A 293 -0.80 -12.05 -17.88
CA ALA A 293 -0.35 -12.26 -19.27
C ALA A 293 1.11 -12.69 -19.24
N PHE A 294 1.47 -13.72 -19.99
CA PHE A 294 2.87 -14.20 -20.12
C PHE A 294 3.14 -14.44 -21.59
N GLU A 295 4.01 -13.62 -22.17
CA GLU A 295 4.11 -13.47 -23.64
C GLU A 295 5.57 -13.69 -24.06
N ILE A 296 5.89 -14.94 -24.39
CA ILE A 296 7.26 -15.31 -24.88
C ILE A 296 7.34 -14.88 -26.34
N GLN A 297 8.36 -14.11 -26.71
CA GLN A 297 8.52 -13.67 -28.11
C GLN A 297 8.60 -14.91 -29.01
N GLY A 298 7.77 -14.94 -30.05
CA GLY A 298 7.80 -15.98 -31.11
C GLY A 298 6.96 -17.19 -30.75
N GLN A 299 6.28 -17.16 -29.60
CA GLN A 299 5.37 -18.24 -29.12
C GLN A 299 3.97 -17.67 -28.96
N PRO A 300 2.93 -18.52 -28.84
CA PRO A 300 1.58 -18.03 -28.51
C PRO A 300 1.60 -17.33 -27.16
N VAL A 301 0.90 -16.20 -27.05
CA VAL A 301 0.69 -15.54 -25.74
C VAL A 301 -0.03 -16.54 -24.83
N GLN A 302 0.22 -16.42 -23.53
CA GLN A 302 -0.41 -17.27 -22.50
C GLN A 302 -1.07 -16.36 -21.48
N VAL A 303 -2.05 -16.91 -20.78
CA VAL A 303 -2.66 -16.26 -19.59
C VAL A 303 -2.51 -17.24 -18.43
N LEU A 304 -1.84 -16.80 -17.36
CA LEU A 304 -1.69 -17.61 -16.13
C LEU A 304 -2.87 -17.25 -15.22
N GLU A 305 -3.48 -18.27 -14.61
CA GLU A 305 -4.68 -18.13 -13.78
C GLU A 305 -4.34 -18.40 -12.31
N ARG A 306 -4.86 -17.57 -11.42
CA ARG A 306 -4.80 -17.80 -9.95
C ARG A 306 -5.24 -19.23 -9.65
N GLY A 307 -4.51 -19.91 -8.77
CA GLY A 307 -4.96 -21.20 -8.21
C GLY A 307 -4.56 -22.40 -9.04
N MET A 308 -3.87 -22.23 -10.16
CA MET A 308 -3.54 -23.38 -11.05
C MET A 308 -2.20 -24.02 -10.64
N GLY A 309 -2.11 -25.34 -10.83
CA GLY A 309 -0.97 -26.15 -10.37
C GLY A 309 0.35 -25.82 -11.06
N TYR A 310 0.33 -25.16 -12.22
CA TYR A 310 1.55 -24.73 -12.96
C TYR A 310 2.19 -23.49 -12.31
N LEU A 311 1.54 -22.86 -11.33
CA LEU A 311 2.09 -21.65 -10.67
C LEU A 311 3.22 -22.06 -9.72
N HIS A 312 4.13 -21.14 -9.45
CA HIS A 312 5.16 -21.27 -8.39
C HIS A 312 4.47 -21.49 -7.05
N PRO A 313 5.07 -22.27 -6.12
CA PRO A 313 4.39 -22.64 -4.88
C PRO A 313 4.04 -21.43 -4.00
N GLY A 314 4.89 -20.41 -3.96
CA GLY A 314 4.64 -19.13 -3.27
C GLY A 314 3.32 -18.50 -3.69
N ALA A 315 2.93 -18.68 -4.96
CA ALA A 315 1.75 -18.05 -5.56
C ALA A 315 0.47 -18.84 -5.25
N LEU A 316 0.56 -20.04 -4.66
CA LEU A 316 -0.62 -20.89 -4.33
C LEU A 316 -0.95 -20.83 -2.84
N LEU A 317 -0.03 -20.36 -2.00
CA LEU A 317 -0.18 -20.42 -0.52
C LEU A 317 -1.49 -19.75 -0.07
N ASP A 318 -1.85 -18.61 -0.65
CA ASP A 318 -2.95 -17.76 -0.13
C ASP A 318 -4.28 -18.04 -0.83
N ASP A 319 -4.38 -19.07 -1.69
CA ASP A 319 -5.68 -19.40 -2.34
C ASP A 319 -6.71 -19.72 -1.25
N ARG A 320 -7.86 -19.03 -1.29
CA ARG A 320 -8.97 -19.23 -0.31
C ARG A 320 -10.11 -20.02 -0.96
N ILE A 321 -10.09 -20.14 -2.29
CA ILE A 321 -11.05 -20.98 -3.04
C ILE A 321 -10.38 -21.42 -4.34
N GLY A 322 -10.90 -22.50 -4.93
CA GLY A 322 -10.35 -23.13 -6.15
C GLY A 322 -10.28 -22.18 -7.33
N ALA A 323 -9.33 -22.44 -8.22
CA ALA A 323 -9.12 -21.74 -9.50
C ALA A 323 -10.47 -21.57 -10.22
N GLY A 324 -10.67 -20.43 -10.88
CA GLY A 324 -11.88 -20.13 -11.67
C GLY A 324 -12.91 -19.34 -10.87
N HIS A 325 -12.93 -19.44 -9.55
CA HIS A 325 -13.74 -18.57 -8.67
C HIS A 325 -12.97 -17.26 -8.51
N PRO A 326 -13.55 -16.08 -8.83
CA PRO A 326 -12.79 -14.83 -8.75
C PRO A 326 -12.57 -14.35 -7.31
N GLU A 327 -11.31 -14.23 -6.91
CA GLU A 327 -10.93 -13.47 -5.70
C GLU A 327 -10.83 -11.99 -6.10
N GLY A 328 -10.78 -11.11 -5.11
CA GLY A 328 -10.74 -9.66 -5.37
C GLY A 328 -9.79 -8.95 -4.43
N LEU A 329 -9.89 -7.63 -4.39
CA LEU A 329 -8.92 -6.80 -3.62
C LEU A 329 -9.06 -7.09 -2.11
N PHE A 330 -10.21 -7.56 -1.63
CA PHE A 330 -10.36 -7.89 -0.19
C PHE A 330 -9.45 -9.06 0.18
N GLU A 331 -9.28 -10.02 -0.73
CA GLU A 331 -8.37 -11.16 -0.49
C GLU A 331 -6.93 -10.65 -0.45
N ALA A 332 -6.54 -9.80 -1.40
CA ALA A 332 -5.21 -9.19 -1.45
C ALA A 332 -4.93 -8.50 -0.09
N TRP A 333 -5.86 -7.69 0.38
CA TRP A 333 -5.66 -6.97 1.66
C TRP A 333 -5.61 -7.95 2.83
N SER A 334 -6.44 -9.00 2.81
CA SER A 334 -6.45 -10.06 3.84
C SER A 334 -5.09 -10.78 3.87
N ASN A 335 -4.49 -10.99 2.70
CA ASN A 335 -3.17 -11.65 2.55
C ASN A 335 -2.08 -10.79 3.19
N LEU A 336 -2.16 -9.46 3.10
CA LEU A 336 -1.19 -8.58 3.79
C LEU A 336 -1.46 -8.62 5.29
N TYR A 337 -2.71 -8.48 5.71
CA TYR A 337 -3.07 -8.28 7.13
C TYR A 337 -2.71 -9.54 7.95
N TYR A 338 -2.88 -10.76 7.42
CA TYR A 338 -2.51 -11.96 8.22
C TYR A 338 -0.98 -11.98 8.37
N ARG A 339 -0.24 -11.51 7.35
CA ARG A 339 1.24 -11.45 7.43
C ARG A 339 1.64 -10.38 8.47
N PHE A 340 0.96 -9.24 8.46
CA PHE A 340 1.18 -8.19 9.50
C PHE A 340 1.02 -8.83 10.88
N ALA A 341 -0.07 -9.56 11.13
CA ALA A 341 -0.37 -10.20 12.43
C ALA A 341 0.74 -11.21 12.77
N MET A 342 1.14 -12.06 11.82
CA MET A 342 2.20 -13.05 12.09
C MET A 342 3.51 -12.34 12.46
N ALA A 343 3.85 -11.23 11.78
CA ALA A 343 5.11 -10.48 12.00
C ALA A 343 5.08 -9.85 13.40
N MET A 344 3.95 -9.26 13.77
CA MET A 344 3.77 -8.59 15.08
C MET A 344 3.91 -9.65 16.20
N ASP A 345 3.20 -10.77 16.05
CA ASP A 345 3.22 -11.88 17.02
C ASP A 345 4.64 -12.46 17.10
N ALA A 346 5.30 -12.69 15.95
CA ALA A 346 6.68 -13.23 15.86
C ALA A 346 7.64 -12.29 16.57
N THR A 347 7.41 -10.97 16.48
CA THR A 347 8.30 -9.96 17.11
C THR A 347 8.19 -10.13 18.63
N GLU A 348 6.96 -10.21 19.15
CA GLU A 348 6.67 -10.39 20.59
C GLU A 348 7.32 -11.69 21.09
N ARG A 349 7.29 -12.76 20.30
CA ARG A 349 7.78 -14.10 20.72
C ARG A 349 9.30 -14.22 20.50
N GLY A 350 9.93 -13.29 19.77
CA GLY A 350 11.35 -13.39 19.39
C GLY A 350 11.60 -14.53 18.43
N ASP A 351 10.67 -14.77 17.50
CA ASP A 351 10.74 -15.87 16.49
C ASP A 351 11.43 -15.31 15.23
N GLY A 352 12.76 -15.17 15.29
CA GLY A 352 13.58 -14.53 14.24
C GLY A 352 13.52 -15.29 12.93
N ALA A 353 13.41 -16.62 12.97
CA ALA A 353 13.34 -17.49 11.78
C ALA A 353 12.05 -17.18 11.01
N LEU A 354 10.92 -17.06 11.70
CA LEU A 354 9.62 -16.78 11.03
C LEU A 354 9.65 -15.36 10.44
N LEU A 355 10.08 -14.38 11.22
CA LEU A 355 10.20 -12.96 10.80
C LEU A 355 10.96 -12.85 9.47
N ALA A 356 12.12 -13.51 9.35
CA ALA A 356 13.04 -13.37 8.20
C ALA A 356 12.39 -13.95 6.93
N GLY A 357 11.52 -14.95 7.06
CA GLY A 357 10.83 -15.60 5.92
C GLY A 357 9.57 -14.85 5.50
N LEU A 358 9.04 -13.93 6.32
CA LEU A 358 7.81 -13.16 6.01
C LEU A 358 8.16 -12.03 5.04
N ARG A 359 7.36 -11.89 3.98
CA ARG A 359 7.46 -10.82 2.98
C ARG A 359 6.17 -10.01 3.02
N TYR A 360 6.26 -8.72 3.30
CA TYR A 360 5.09 -7.81 3.27
C TYR A 360 5.59 -6.39 3.09
N PRO A 361 4.72 -5.49 2.60
CA PRO A 361 5.07 -4.08 2.48
C PRO A 361 5.27 -3.49 3.89
N ASP A 362 6.46 -2.98 4.14
CA ASP A 362 6.92 -2.65 5.51
C ASP A 362 7.42 -1.20 5.54
N ILE A 363 8.06 -0.84 6.63
CA ILE A 363 8.59 0.54 6.85
C ILE A 363 9.49 0.92 5.67
N HIS A 364 10.31 -0.01 5.18
CA HIS A 364 11.29 0.25 4.10
C HIS A 364 10.56 0.56 2.79
N ALA A 365 9.47 -0.15 2.49
CA ALA A 365 8.65 0.13 1.30
C ALA A 365 8.05 1.54 1.43
N GLY A 366 7.56 1.88 2.62
CA GLY A 366 6.97 3.20 2.90
C GLY A 366 7.99 4.30 2.65
N VAL A 367 9.23 4.13 3.11
CA VAL A 367 10.32 5.14 2.89
C VAL A 367 10.55 5.32 1.39
N GLU A 368 10.64 4.23 0.63
CA GLU A 368 10.93 4.29 -0.83
C GLU A 368 9.80 5.03 -1.56
N GLY A 369 8.55 4.81 -1.20
CA GLY A 369 7.38 5.51 -1.78
C GLY A 369 7.52 7.01 -1.61
N VAL A 370 7.95 7.45 -0.43
CA VAL A 370 8.12 8.90 -0.11
C VAL A 370 9.31 9.42 -0.92
N ARG A 371 10.42 8.68 -0.94
CA ARG A 371 11.63 9.06 -1.72
C ARG A 371 11.23 9.31 -3.17
N TRP A 372 10.52 8.37 -3.78
CA TRP A 372 10.20 8.44 -5.23
C TRP A 372 9.36 9.70 -5.50
N VAL A 373 8.31 9.93 -4.72
CA VAL A 373 7.43 11.11 -4.91
C VAL A 373 8.30 12.37 -4.78
N GLU A 374 9.17 12.42 -3.78
CA GLU A 374 9.97 13.65 -3.51
C GLU A 374 10.87 13.95 -4.71
N ARG A 375 11.56 12.93 -5.24
CA ARG A 375 12.46 13.07 -6.42
C ARG A 375 11.65 13.51 -7.64
N CYS A 376 10.47 12.92 -7.87
CA CYS A 376 9.58 13.28 -9.00
C CYS A 376 9.20 14.76 -8.88
N VAL A 377 8.79 15.20 -7.69
CA VAL A 377 8.38 16.62 -7.48
C VAL A 377 9.59 17.52 -7.75
N GLN A 378 10.79 17.13 -7.30
CA GLN A 378 12.04 17.91 -7.51
C GLN A 378 12.30 18.07 -9.01
N SER A 379 12.20 16.98 -9.78
CA SER A 379 12.41 17.01 -11.25
C SER A 379 11.35 17.92 -11.90
N ALA A 380 10.08 17.71 -11.57
CA ALA A 380 8.92 18.40 -12.17
C ALA A 380 9.05 19.91 -11.94
N ASP A 381 9.42 20.30 -10.72
CA ASP A 381 9.56 21.71 -10.31
C ASP A 381 10.71 22.38 -11.10
N ARG A 382 11.70 21.59 -11.54
CA ARG A 382 12.84 22.09 -12.35
C ARG A 382 12.56 21.91 -13.85
N GLY A 383 11.29 21.71 -14.23
CA GLY A 383 10.84 21.65 -15.64
C GLY A 383 11.08 20.30 -16.28
N GLY A 384 11.06 19.22 -15.50
CA GLY A 384 11.10 17.82 -16.00
C GLY A 384 12.48 17.41 -16.50
N VAL A 385 13.52 17.71 -15.72
CA VAL A 385 14.95 17.41 -16.06
C VAL A 385 15.38 16.16 -15.30
N TRP A 386 16.39 15.46 -15.81
CA TRP A 386 16.98 14.27 -15.13
C TRP A 386 17.56 14.70 -13.79
N VAL A 387 17.22 13.97 -12.73
CA VAL A 387 17.81 14.15 -11.38
C VAL A 387 18.38 12.81 -10.93
N ASP A 388 19.49 12.87 -10.19
CA ASP A 388 20.07 11.68 -9.52
C ASP A 388 19.08 11.20 -8.47
N TYR A 389 18.90 9.89 -8.35
CA TYR A 389 17.89 9.32 -7.44
C TYR A 389 18.48 9.17 -6.03
PA NAD B . -11.42 9.91 3.91
O1A NAD B . -11.38 11.41 3.94
O2A NAD B . -12.42 9.19 3.07
O5B NAD B . -11.49 9.37 5.41
C5B NAD B . -10.80 10.04 6.52
C4B NAD B . -11.33 9.45 7.81
O4B NAD B . -10.45 9.77 8.92
C3B NAD B . -12.72 9.95 8.23
O3B NAD B . -13.42 8.92 8.90
C2B NAD B . -12.36 11.11 9.18
O2B NAD B . -13.37 11.46 10.08
C1B NAD B . -11.18 10.47 9.90
N9A NAD B . -10.27 11.40 10.55
C8A NAD B . -9.74 12.54 9.99
N7A NAD B . -8.89 13.14 10.77
C5A NAD B . -8.84 12.36 11.91
C6A NAD B . -8.11 12.48 13.12
N6A NAD B . -7.23 13.46 13.34
N1A NAD B . -8.29 11.52 14.05
C2A NAD B . -9.17 10.54 13.80
N3A NAD B . -9.91 10.32 12.70
C4A NAD B . -9.69 11.28 11.79
O3 NAD B . -9.96 9.37 3.43
PN NAD B . -9.58 7.96 2.71
O1N NAD B . -9.80 8.08 1.23
O2N NAD B . -10.26 6.85 3.45
O5D NAD B . -8.00 7.89 2.95
C5D NAD B . -7.44 7.85 4.25
C4D NAD B . -6.01 7.41 4.08
O4D NAD B . -5.99 6.14 3.39
C3D NAD B . -5.16 8.36 3.23
O3D NAD B . -3.83 8.39 3.72
C2D NAD B . -5.23 7.73 1.83
O2D NAD B . -4.12 8.04 1.01
C1D NAD B . -5.23 6.25 2.20
N1N NAD B . -5.83 5.34 1.17
C2N NAD B . -5.13 4.24 0.74
C3N NAD B . -5.65 3.41 -0.26
C7N NAD B . -4.88 2.13 -0.56
O7N NAD B . -4.01 1.76 0.23
N7N NAD B . -5.22 1.46 -1.65
C4N NAD B . -6.83 3.78 -0.89
C5N NAD B . -7.53 4.90 -0.46
C6N NAD B . -7.09 5.57 0.66
#